data_6ROT
#
_entry.id   6ROT
#
_cell.length_a   69.926
_cell.length_b   71.177
_cell.length_c   73.006
_cell.angle_alpha   90.00
_cell.angle_beta   100.72
_cell.angle_gamma   90.00
#
_symmetry.space_group_name_H-M   'C 1 2 1'
#
loop_
_entity.id
_entity.type
_entity.pdbx_description
1 polymer Prothrombin
2 polymer Prothrombin
3 polymer 'Hirudin variant-2'
4 non-polymer (2~{S})-~{N}-[[5-chloranyl-2-(hydroxymethyl)phenyl]methyl]-1-[2-[(phenylmethyl)sulfonylamino]ethanoyl]pyrrolidine-2-carboxamide
5 non-polymer 2-acetamido-2-deoxy-beta-D-glucopyranose
6 non-polymer 'PHOSPHATE ION'
7 non-polymer 'DIMETHYL SULFOXIDE'
8 non-polymer 'SODIUM ION'
9 water water
#
loop_
_entity_poly.entity_id
_entity_poly.type
_entity_poly.pdbx_seq_one_letter_code
_entity_poly.pdbx_strand_id
1 'polypeptide(L)' TFGSGEADCGLRPLFEKKSLEDKTERELLESYIDGR L
2 'polypeptide(L)'
;IVEGSDAEIGMSPWQVMLFRKSPQELLCGASLISDRWVLTAAHCLLYPPWDKNFTENDLLVRIGKHSRTRYERNIEKISM
LEKIYIHPRYNWRENLDRDIALMKLKKPVAFSDYIHPVCLPDRETAASLLQAGYKGRVTGWGNLKETWGQPSVLQVVNLP
IVERPVCKDSTRIRITDNMFCAGYKPDEGKRGDACEGDSGGPFVMKSPFNNRWYQMGIVSWGEGCDRDGKYGFYTHVFRL
KKWIQKVIDQFGE
;
H
3 'polypeptide(L)' GDFEEIPEE(TYS)LQ A
#
loop_
_chem_comp.id
_chem_comp.type
_chem_comp.name
_chem_comp.formula
DMS non-polymer 'DIMETHYL SULFOXIDE' 'C2 H6 O S'
KDQ non-polymer (2~{S})-~{N}-[[5-chloranyl-2-(hydroxymethyl)phenyl]methyl]-1-[2-[(phenylmethyl)sulfonylamino]ethanoyl]pyrrolidine-2-carboxamide 'C22 H26 Cl N3 O5 S'
NA non-polymer 'SODIUM ION' 'Na 1'
NAG D-saccharide, beta linking 2-acetamido-2-deoxy-beta-D-glucopyranose 'C8 H15 N O6'
PO4 non-polymer 'PHOSPHATE ION' 'O4 P -3'
#
# COMPACT_ATOMS: atom_id res chain seq x y z
N GLU A 6 9.93 -3.22 -13.56
CA GLU A 6 10.52 -4.54 -13.88
C GLU A 6 9.69 -5.26 -14.93
N ALA A 7 10.38 -6.04 -15.76
CA ALA A 7 9.71 -6.70 -16.87
C ALA A 7 8.59 -7.61 -16.40
N ASP A 8 8.77 -8.20 -15.22
N ASP A 8 8.76 -8.30 -15.27
CA ASP A 8 7.90 -9.20 -14.64
CA ASP A 8 7.72 -9.20 -14.77
C ASP A 8 7.00 -8.62 -13.55
C ASP A 8 6.99 -8.62 -13.56
N CYS A 9 6.93 -7.30 -13.43
CA CYS A 9 6.18 -6.69 -12.35
C CYS A 9 4.72 -7.10 -12.40
N GLY A 10 4.11 -7.19 -11.23
CA GLY A 10 2.67 -7.36 -11.16
C GLY A 10 2.16 -8.74 -11.50
N LEU A 11 3.04 -9.73 -11.71
CA LEU A 11 2.68 -11.11 -12.01
C LEU A 11 3.10 -11.95 -10.82
N ARG A 12 2.13 -12.42 -10.03
CA ARG A 12 2.46 -13.08 -8.77
C ARG A 12 2.91 -14.52 -8.99
N PRO A 13 4.01 -14.93 -8.36
CA PRO A 13 4.48 -16.32 -8.51
C PRO A 13 3.43 -17.37 -8.22
N LEU A 14 2.59 -17.18 -7.20
CA LEU A 14 1.66 -18.23 -6.83
C LEU A 14 0.30 -18.09 -7.47
N PHE A 15 0.12 -17.08 -8.34
CA PHE A 15 -1.15 -16.85 -9.02
C PHE A 15 -0.93 -16.72 -10.52
N GLU A 16 -0.70 -15.50 -11.01
CA GLU A 16 -0.60 -15.30 -12.46
C GLU A 16 0.46 -16.19 -13.08
N LYS A 17 1.61 -16.36 -12.42
N LYS A 17 1.61 -16.39 -12.42
CA LYS A 17 2.72 -17.10 -13.03
CA LYS A 17 2.65 -17.21 -13.04
C LYS A 17 2.37 -18.56 -13.24
C LYS A 17 2.27 -18.68 -13.13
N LYS A 18 1.39 -19.11 -12.50
N LYS A 18 1.29 -19.12 -12.36
CA LYS A 18 0.96 -20.49 -12.67
CA LYS A 18 0.79 -20.50 -12.42
C LYS A 18 -0.52 -20.57 -13.07
C LYS A 18 -0.54 -20.60 -13.14
N SER A 19 -1.08 -19.47 -13.61
CA SER A 19 -2.47 -19.41 -14.07
C SER A 19 -3.45 -19.91 -13.02
N LEU A 20 -3.25 -19.48 -11.77
CA LEU A 20 -4.22 -19.67 -10.70
C LEU A 20 -4.80 -18.32 -10.29
N GLU A 21 -6.09 -18.27 -10.05
N GLU A 21 -6.08 -18.32 -9.94
CA GLU A 21 -6.73 -17.05 -9.59
CA GLU A 21 -6.84 -17.13 -9.60
C GLU A 21 -6.91 -17.08 -8.08
C GLU A 21 -7.09 -17.07 -8.10
N ASP A 22 -6.88 -15.89 -7.49
CA ASP A 22 -7.19 -15.77 -6.08
C ASP A 22 -8.71 -15.70 -5.91
N LYS A 23 -9.16 -15.76 -4.66
CA LYS A 23 -10.59 -15.99 -4.42
C LYS A 23 -11.46 -14.76 -4.70
N THR A 24 -10.90 -13.57 -4.80
CA THR A 24 -11.74 -12.39 -5.01
C THR A 24 -11.34 -11.50 -6.17
N GLU A 25 -10.33 -11.87 -6.97
CA GLU A 25 -9.93 -10.99 -8.07
C GLU A 25 -11.05 -10.84 -9.09
N ARG A 26 -11.93 -11.82 -9.20
CA ARG A 26 -13.04 -11.70 -10.14
C ARG A 26 -13.95 -10.53 -9.79
N GLU A 27 -14.12 -10.23 -8.50
CA GLU A 27 -14.89 -9.06 -8.09
C GLU A 27 -14.34 -7.78 -8.71
N LEU A 28 -13.01 -7.68 -8.78
CA LEU A 28 -12.40 -6.52 -9.43
C LEU A 28 -12.73 -6.51 -10.92
N LEU A 29 -12.49 -7.63 -11.60
CA LEU A 29 -12.74 -7.68 -13.04
C LEU A 29 -14.17 -7.30 -13.37
N GLU A 30 -15.14 -7.80 -12.59
CA GLU A 30 -16.54 -7.54 -12.88
C GLU A 30 -16.90 -6.07 -12.71
N SER A 31 -16.12 -5.32 -11.94
CA SER A 31 -16.36 -3.89 -11.77
C SER A 31 -15.81 -3.06 -12.92
N TYR A 32 -14.97 -3.64 -13.78
CA TYR A 32 -14.32 -2.89 -14.86
C TYR A 32 -15.24 -2.93 -16.08
N ILE A 33 -16.29 -2.12 -16.02
CA ILE A 33 -17.37 -2.15 -17.01
C ILE A 33 -17.03 -1.12 -18.06
N ILE B 1 -7.23 -2.97 8.58
CA ILE B 1 -8.30 -3.12 7.59
C ILE B 1 -9.57 -3.53 8.31
N VAL B 2 -10.65 -2.81 8.05
CA VAL B 2 -11.97 -3.08 8.64
C VAL B 2 -12.80 -3.85 7.63
N GLU B 3 -13.43 -4.93 8.10
CA GLU B 3 -14.37 -5.71 7.29
C GLU B 3 -13.70 -6.35 6.07
N GLY B 4 -12.43 -6.69 6.22
CA GLY B 4 -11.69 -7.45 5.23
C GLY B 4 -11.62 -8.93 5.58
N SER B 5 -10.71 -9.63 4.92
N SER B 5 -10.71 -9.62 4.91
CA SER B 5 -10.52 -11.05 5.17
CA SER B 5 -10.52 -11.05 5.10
C SER B 5 -9.03 -11.36 5.15
C SER B 5 -9.03 -11.34 5.18
N ASP B 6 -8.69 -12.53 5.70
CA ASP B 6 -7.31 -12.96 5.67
C ASP B 6 -6.84 -13.11 4.23
N ALA B 7 -5.64 -12.62 3.96
CA ALA B 7 -5.03 -12.81 2.64
C ALA B 7 -4.68 -14.27 2.42
N GLU B 8 -4.70 -14.68 1.15
CA GLU B 8 -4.13 -15.95 0.77
C GLU B 8 -2.61 -15.85 0.76
N ILE B 9 -1.95 -17.00 0.90
CA ILE B 9 -0.49 -17.01 0.82
C ILE B 9 -0.04 -16.53 -0.55
N GLY B 10 0.90 -15.58 -0.56
CA GLY B 10 1.42 -15.03 -1.80
C GLY B 10 0.47 -14.13 -2.55
N MET B 11 -0.63 -13.70 -1.92
CA MET B 11 -1.64 -12.90 -2.62
C MET B 11 -1.16 -11.49 -2.91
N SER B 12 -0.27 -10.95 -2.07
CA SER B 12 0.19 -9.57 -2.18
CA SER B 12 0.20 -9.57 -2.19
C SER B 12 1.71 -9.56 -1.96
N PRO B 13 2.47 -10.14 -2.89
CA PRO B 13 3.89 -10.38 -2.62
C PRO B 13 4.73 -9.12 -2.67
N TRP B 14 4.13 -8.00 -3.06
CA TRP B 14 4.74 -6.68 -2.95
C TRP B 14 4.51 -6.01 -1.60
N GLN B 15 3.73 -6.63 -0.70
CA GLN B 15 3.44 -6.02 0.59
CA GLN B 15 3.44 -5.96 0.56
C GLN B 15 4.69 -5.87 1.42
N VAL B 16 4.89 -4.71 2.03
CA VAL B 16 6.04 -4.45 2.88
C VAL B 16 5.53 -3.92 4.21
N MET B 17 6.16 -4.38 5.29
CA MET B 17 5.91 -3.86 6.63
C MET B 17 7.06 -2.94 7.02
N LEU B 18 6.74 -1.69 7.36
N LEU B 18 6.75 -1.70 7.35
CA LEU B 18 7.69 -0.75 7.94
CA LEU B 18 7.74 -0.82 7.93
C LEU B 18 7.73 -1.03 9.44
C LEU B 18 7.73 -1.03 9.43
N PHE B 19 8.92 -1.27 9.98
CA PHE B 19 9.07 -1.77 11.34
C PHE B 19 10.05 -0.90 12.10
N ARG B 20 9.65 -0.47 13.28
CA ARG B 20 10.52 0.31 14.13
C ARG B 20 11.50 -0.60 14.85
N LYS B 21 12.77 -0.19 14.92
CA LYS B 21 13.80 -1.00 15.55
C LYS B 21 13.64 -1.05 17.07
N SER B 22 13.42 0.10 17.69
CA SER B 22 13.37 0.17 19.16
C SER B 22 12.40 1.28 19.57
N PRO B 23 11.27 0.93 20.21
CA PRO B 23 10.78 -0.43 20.48
C PRO B 23 10.38 -1.12 19.18
N GLN B 24 10.49 -2.43 19.15
CA GLN B 24 10.11 -3.19 17.95
C GLN B 24 8.60 -3.15 17.78
N GLU B 25 8.12 -2.48 16.74
CA GLU B 25 6.70 -2.32 16.53
C GLU B 25 6.41 -2.04 15.06
N LEU B 26 5.20 -2.37 14.65
CA LEU B 26 4.76 -2.01 13.30
C LEU B 26 4.58 -0.50 13.21
N LEU B 27 5.09 0.10 12.14
CA LEU B 27 4.90 1.51 11.88
C LEU B 27 3.91 1.80 10.76
N CYS B 28 3.91 1.00 9.70
CA CYS B 28 3.15 1.34 8.51
C CYS B 28 3.25 0.16 7.56
N GLY B 29 2.43 0.24 6.51
CA GLY B 29 2.62 -0.56 5.32
C GLY B 29 3.44 0.19 4.29
N ALA B 30 3.70 -0.51 3.19
CA ALA B 30 4.56 -0.05 2.11
C ALA B 30 4.46 -1.11 1.01
N SER B 31 5.12 -0.84 -0.12
CA SER B 31 5.09 -1.76 -1.24
C SER B 31 6.44 -1.83 -1.94
N LEU B 32 6.71 -3.00 -2.51
CA LEU B 32 7.96 -3.27 -3.22
C LEU B 32 7.76 -2.96 -4.71
N ILE B 33 8.55 -2.04 -5.24
CA ILE B 33 8.43 -1.66 -6.65
C ILE B 33 9.63 -2.06 -7.50
N SER B 34 10.69 -2.57 -6.89
CA SER B 34 11.84 -3.14 -7.60
C SER B 34 12.64 -3.86 -6.55
N ASP B 35 13.79 -4.43 -6.95
CA ASP B 35 14.60 -5.13 -5.96
C ASP B 35 15.26 -4.19 -4.94
N ARG B 36 15.21 -2.87 -5.15
CA ARG B 36 15.92 -1.94 -4.27
C ARG B 36 15.05 -0.81 -3.75
N TRP B 37 13.79 -0.70 -4.18
CA TRP B 37 12.97 0.47 -3.88
C TRP B 37 11.63 0.06 -3.29
N VAL B 38 11.24 0.78 -2.24
CA VAL B 38 9.99 0.58 -1.51
C VAL B 38 9.23 1.90 -1.50
N LEU B 39 7.94 1.84 -1.79
CA LEU B 39 7.06 3.00 -1.84
C LEU B 39 6.17 3.01 -0.59
N THR B 40 5.97 4.19 -0.01
CA THR B 40 5.10 4.33 1.15
C THR B 40 4.50 5.73 1.17
N ALA B 41 3.74 6.02 2.22
CA ALA B 41 3.19 7.36 2.45
C ALA B 41 4.22 8.20 3.17
N ALA B 42 4.31 9.48 2.79
CA ALA B 42 5.21 10.39 3.48
C ALA B 42 4.88 10.48 4.97
N HIS B 43 3.59 10.44 5.33
CA HIS B 43 3.24 10.60 6.74
C HIS B 43 3.68 9.43 7.60
N CYS B 44 4.06 8.30 6.98
CA CYS B 44 4.66 7.19 7.73
C CYS B 44 6.03 7.53 8.25
N LEU B 45 6.69 8.52 7.65
CA LEU B 45 8.05 8.90 8.00
C LEU B 45 8.12 10.27 8.62
N LEU B 46 7.22 11.18 8.24
CA LEU B 46 7.28 12.57 8.67
C LEU B 46 5.87 13.06 8.94
N TYR B 47 5.56 13.34 10.20
CA TYR B 47 4.27 13.92 10.57
C TYR B 47 4.46 14.72 11.86
N PRO B 48 4.87 15.98 11.75
CA PRO B 48 5.23 16.77 12.93
C PRO B 48 4.10 16.94 13.93
N PRO B 49 2.83 16.98 13.51
CA PRO B 49 1.77 17.10 14.52
C PRO B 49 1.79 15.99 15.55
N TRP B 50 2.34 14.83 15.20
CA TRP B 50 2.44 13.69 16.10
C TRP B 50 3.88 13.43 16.52
N ASP B 51 4.76 14.42 16.34
N ASP B 51 4.77 14.42 16.34
CA ASP B 51 6.19 14.29 16.62
CA ASP B 51 6.18 14.31 16.76
C ASP B 51 6.76 13.02 16.00
C ASP B 51 6.91 13.20 16.02
N LYS B 52 6.50 12.87 14.70
N LYS B 52 6.48 12.90 14.78
CA LYS B 52 7.03 11.77 13.92
CA LYS B 52 7.05 11.81 13.99
C LYS B 52 8.01 12.34 12.90
C LYS B 52 8.01 12.38 12.95
N ASN B 53 9.27 11.95 13.00
CA ASN B 53 10.28 12.34 12.04
C ASN B 53 11.39 11.28 12.06
N PHE B 54 11.18 10.19 11.33
CA PHE B 54 12.11 9.07 11.38
C PHE B 54 13.32 9.30 10.47
N THR B 55 14.45 8.75 10.88
CA THR B 55 15.64 8.68 10.05
C THR B 55 15.82 7.23 9.58
N GLU B 56 16.69 7.06 8.58
CA GLU B 56 16.93 5.72 8.01
C GLU B 56 17.27 4.70 9.09
N ASN B 57 18.09 5.09 10.06
CA ASN B 57 18.58 4.09 11.01
C ASN B 57 17.54 3.73 12.06
N ASP B 58 16.40 4.41 12.08
CA ASP B 58 15.34 4.08 13.01
C ASP B 58 14.52 2.88 12.58
N LEU B 59 14.64 2.45 11.32
CA LEU B 59 13.63 1.65 10.65
C LEU B 59 14.20 0.43 9.98
N LEU B 60 13.34 -0.58 9.82
CA LEU B 60 13.59 -1.72 8.97
C LEU B 60 12.37 -1.93 8.09
N VAL B 61 12.57 -2.62 6.98
CA VAL B 61 11.46 -3.11 6.16
C VAL B 61 11.46 -4.63 6.20
N ARG B 62 10.27 -5.20 6.31
CA ARG B 62 10.09 -6.64 6.35
C ARG B 62 9.22 -7.02 5.15
N ILE B 63 9.75 -7.90 4.31
CA ILE B 63 9.18 -8.19 3.00
C ILE B 63 8.88 -9.69 2.94
N GLY B 64 7.79 -10.04 2.29
CA GLY B 64 7.40 -11.43 2.19
C GLY B 64 6.55 -11.92 3.35
N LYS B 65 6.00 -11.03 4.16
CA LYS B 65 5.29 -11.43 5.35
C LYS B 65 3.82 -11.79 5.11
N HIS B 66 3.30 -12.57 6.05
CA HIS B 66 1.89 -12.93 6.12
C HIS B 66 1.41 -12.69 7.55
N SER B 67 1.97 -13.43 8.51
CA SER B 67 1.68 -13.17 9.91
C SER B 67 2.10 -11.75 10.31
N ARG B 68 1.27 -11.09 11.13
CA ARG B 68 1.62 -9.76 11.62
C ARG B 68 2.79 -9.81 12.58
N THR B 69 2.75 -10.69 13.58
CA THR B 69 3.65 -10.58 14.71
C THR B 69 4.79 -11.59 14.71
N ARG B 70 4.67 -12.68 13.94
N ARG B 70 4.70 -12.67 13.95
CA ARG B 70 5.67 -13.74 13.93
CA ARG B 70 5.70 -13.71 14.07
C ARG B 70 6.90 -13.32 13.14
C ARG B 70 6.86 -13.46 13.10
N TYR B 71 8.05 -13.86 13.52
CA TYR B 71 9.23 -13.83 12.67
C TYR B 71 9.15 -15.05 11.74
N GLU B 72 8.90 -14.78 10.45
CA GLU B 72 8.57 -15.83 9.49
C GLU B 72 9.85 -16.34 8.86
N ARG B 73 10.51 -17.18 9.65
CA ARG B 73 11.80 -17.74 9.31
C ARG B 73 11.73 -18.47 7.97
N ASN B 74 12.74 -18.22 7.13
CA ASN B 74 12.92 -18.80 5.79
C ASN B 74 11.95 -18.25 4.75
N ILE B 75 11.12 -17.28 5.11
CA ILE B 75 10.13 -16.71 4.21
C ILE B 75 10.32 -15.20 4.09
N GLU B 76 10.17 -14.51 5.22
CA GLU B 76 10.33 -13.06 5.16
C GLU B 76 11.80 -12.70 5.03
N LYS B 77 12.05 -11.51 4.49
CA LYS B 77 13.38 -10.93 4.42
C LYS B 77 13.34 -9.55 5.01
N ILE B 78 14.34 -9.23 5.81
CA ILE B 78 14.42 -7.96 6.54
C ILE B 78 15.56 -7.15 5.96
N SER B 79 15.27 -5.90 5.59
CA SER B 79 16.23 -5.06 4.89
C SER B 79 16.43 -3.75 5.63
N MET B 80 17.65 -3.24 5.60
N MET B 80 17.65 -3.25 5.60
CA MET B 80 17.95 -1.92 6.14
CA MET B 80 18.00 -1.92 6.09
C MET B 80 17.82 -0.86 5.06
C MET B 80 17.68 -0.87 5.05
N LEU B 81 17.61 0.37 5.49
CA LEU B 81 17.36 1.49 4.59
C LEU B 81 18.65 2.25 4.32
N GLU B 82 18.91 2.49 3.04
CA GLU B 82 20.02 3.36 2.66
C GLU B 82 19.61 4.82 2.75
N LYS B 83 18.41 5.16 2.24
CA LYS B 83 18.00 6.55 2.19
C LYS B 83 16.48 6.64 2.08
N ILE B 84 15.93 7.67 2.73
CA ILE B 84 14.53 8.08 2.60
C ILE B 84 14.44 9.30 1.70
N TYR B 85 13.43 9.32 0.83
CA TYR B 85 13.11 10.49 0.01
C TYR B 85 11.63 10.82 0.16
N ILE B 86 11.35 12.00 0.65
CA ILE B 86 9.98 12.48 0.82
C ILE B 86 9.67 13.49 -0.28
N HIS B 87 8.46 13.45 -0.82
CA HIS B 87 8.10 14.42 -1.84
C HIS B 87 8.36 15.84 -1.30
N PRO B 88 9.05 16.68 -2.07
CA PRO B 88 9.38 18.03 -1.56
C PRO B 88 8.19 18.91 -1.31
N ARG B 89 7.03 18.59 -1.91
CA ARG B 89 5.81 19.39 -1.71
C ARG B 89 4.76 18.62 -0.92
N TYR B 90 5.16 17.58 -0.18
CA TYR B 90 4.27 16.92 0.77
C TYR B 90 3.75 17.94 1.77
N ASN B 91 2.44 18.01 1.90
CA ASN B 91 1.77 18.98 2.77
C ASN B 91 1.25 18.28 4.03
N TRP B 92 2.12 18.20 5.03
CA TRP B 92 1.71 17.66 6.34
C TRP B 92 0.97 18.68 7.17
N ARG B 93 0.98 19.95 6.77
N ARG B 93 0.97 19.95 6.78
CA ARG B 93 0.35 20.99 7.58
CA ARG B 93 0.35 20.99 7.59
C ARG B 93 -1.15 20.98 7.48
C ARG B 93 -1.17 20.95 7.51
N GLU B 94 -1.71 20.63 6.33
CA GLU B 94 -3.14 20.79 6.07
C GLU B 94 -3.85 19.47 5.80
N ASN B 95 -3.59 18.81 4.67
CA ASN B 95 -4.44 17.74 4.17
C ASN B 95 -3.67 16.56 3.59
N LEU B 96 -2.38 16.44 3.91
CA LEU B 96 -1.54 15.35 3.40
C LEU B 96 -1.46 15.34 1.88
N ASP B 97 -1.52 16.50 1.23
CA ASP B 97 -1.35 16.56 -0.22
C ASP B 97 0.03 16.02 -0.58
N ARG B 98 0.08 15.19 -1.63
CA ARG B 98 1.32 14.60 -2.12
C ARG B 98 1.96 13.70 -1.07
N ASP B 99 1.16 12.78 -0.53
CA ASP B 99 1.56 11.91 0.58
C ASP B 99 2.29 10.69 0.03
N ILE B 100 3.57 10.88 -0.27
CA ILE B 100 4.33 9.86 -0.97
C ILE B 100 5.80 9.97 -0.57
N ALA B 101 6.44 8.80 -0.42
CA ALA B 101 7.85 8.71 -0.07
C ALA B 101 8.42 7.44 -0.67
N LEU B 102 9.72 7.47 -0.95
CA LEU B 102 10.46 6.31 -1.39
C LEU B 102 11.55 5.99 -0.40
N MET B 103 11.86 4.70 -0.27
CA MET B 103 12.95 4.21 0.57
C MET B 103 13.82 3.31 -0.31
N LYS B 104 15.11 3.62 -0.37
CA LYS B 104 16.06 2.77 -1.08
C LYS B 104 16.71 1.81 -0.07
N LEU B 105 16.75 0.54 -0.42
CA LEU B 105 17.31 -0.48 0.45
C LEU B 105 18.82 -0.51 0.36
N LYS B 106 19.45 -0.91 1.45
CA LYS B 106 20.91 -1.00 1.49
C LYS B 106 21.42 -2.03 0.50
N LYS B 107 20.70 -3.14 0.33
CA LYS B 107 21.08 -4.18 -0.61
C LYS B 107 19.82 -4.70 -1.29
N PRO B 108 19.94 -5.18 -2.52
CA PRO B 108 18.76 -5.70 -3.22
C PRO B 108 18.20 -6.93 -2.51
N VAL B 109 16.87 -7.04 -2.53
CA VAL B 109 16.19 -8.20 -1.97
C VAL B 109 16.02 -9.26 -3.05
N ALA B 110 16.15 -10.53 -2.66
CA ALA B 110 15.94 -11.63 -3.59
C ALA B 110 14.44 -11.89 -3.72
N PHE B 111 13.96 -11.95 -4.96
CA PHE B 111 12.56 -12.31 -5.18
C PHE B 111 12.35 -13.80 -4.90
N SER B 112 11.10 -14.14 -4.59
CA SER B 112 10.73 -15.51 -4.26
C SER B 112 9.23 -15.68 -4.52
N ASP B 113 8.68 -16.82 -4.13
CA ASP B 113 7.23 -16.99 -4.25
C ASP B 113 6.46 -15.95 -3.43
N TYR B 114 7.10 -15.38 -2.42
CA TYR B 114 6.44 -14.50 -1.44
C TYR B 114 6.84 -13.04 -1.58
N ILE B 115 7.80 -12.75 -2.47
CA ILE B 115 8.43 -11.44 -2.61
C ILE B 115 8.50 -11.14 -4.09
N HIS B 116 7.78 -10.11 -4.55
CA HIS B 116 7.74 -9.82 -5.97
C HIS B 116 7.20 -8.41 -6.14
N PRO B 117 7.74 -7.61 -7.05
CA PRO B 117 7.29 -6.20 -7.17
C PRO B 117 5.97 -6.03 -7.89
N VAL B 118 5.26 -4.95 -7.51
CA VAL B 118 4.07 -4.50 -8.19
C VAL B 118 4.46 -3.52 -9.29
N CYS B 119 3.61 -3.39 -10.31
CA CYS B 119 3.84 -2.39 -11.34
C CYS B 119 3.33 -1.02 -10.93
N LEU B 120 3.96 0.02 -11.46
CA LEU B 120 3.41 1.35 -11.33
C LEU B 120 2.69 1.73 -12.62
N PRO B 121 1.57 2.44 -12.53
CA PRO B 121 0.76 2.67 -13.73
C PRO B 121 1.40 3.67 -14.70
N ASP B 122 1.19 3.43 -15.98
N ASP B 122 1.18 3.40 -15.98
CA ASP B 122 1.45 4.50 -16.92
CA ASP B 122 1.37 4.36 -17.04
C ASP B 122 0.16 5.26 -17.17
C ASP B 122 0.14 5.27 -17.14
N ARG B 123 0.25 6.34 -17.95
CA ARG B 123 -0.87 7.25 -18.12
C ARG B 123 -2.12 6.54 -18.62
N GLU B 124 -1.95 5.62 -19.56
CA GLU B 124 -3.10 4.96 -20.17
C GLU B 124 -3.79 4.01 -19.20
N THR B 125 -3.01 3.24 -18.42
N THR B 125 -3.01 3.25 -18.42
CA THR B 125 -3.64 2.35 -17.46
CA THR B 125 -3.62 2.34 -17.46
C THR B 125 -4.38 3.15 -16.39
C THR B 125 -4.33 3.12 -16.35
N ALA B 126 -3.80 4.27 -15.97
CA ALA B 126 -4.47 5.12 -14.98
C ALA B 126 -5.75 5.72 -15.55
N ALA B 127 -5.71 6.22 -16.79
CA ALA B 127 -6.91 6.80 -17.38
C ALA B 127 -7.99 5.75 -17.51
N SER B 128 -7.62 4.53 -17.89
N SER B 128 -7.60 4.52 -17.87
CA SER B 128 -8.62 3.50 -18.09
CA SER B 128 -8.55 3.44 -18.13
C SER B 128 -9.24 3.04 -16.78
C SER B 128 -9.16 2.86 -16.87
N LEU B 129 -8.41 2.82 -15.76
CA LEU B 129 -8.89 2.15 -14.56
C LEU B 129 -9.34 3.05 -13.44
N LEU B 130 -8.91 4.32 -13.41
N LEU B 130 -8.92 4.31 -13.37
CA LEU B 130 -9.29 5.22 -12.33
CA LEU B 130 -9.26 5.12 -12.20
C LEU B 130 -10.64 5.83 -12.66
C LEU B 130 -10.60 5.84 -12.42
N GLN B 131 -11.66 5.03 -12.45
CA GLN B 131 -13.02 5.43 -12.77
C GLN B 131 -13.93 5.04 -11.63
N ALA B 132 -14.90 5.91 -11.34
CA ALA B 132 -15.86 5.64 -10.28
C ALA B 132 -16.55 4.30 -10.50
N GLY B 133 -16.63 3.50 -9.43
CA GLY B 133 -17.22 2.20 -9.47
C GLY B 133 -16.22 1.08 -9.68
N TYR B 134 -15.09 1.37 -10.30
CA TYR B 134 -14.07 0.35 -10.50
C TYR B 134 -13.41 0.06 -9.16
N LYS B 135 -13.18 -1.23 -8.89
CA LYS B 135 -12.69 -1.64 -7.59
C LYS B 135 -11.19 -1.88 -7.60
N GLY B 136 -10.56 -1.52 -6.49
CA GLY B 136 -9.20 -1.93 -6.21
C GLY B 136 -9.15 -2.68 -4.91
N ARG B 137 -7.93 -2.99 -4.50
CA ARG B 137 -7.70 -3.86 -3.37
C ARG B 137 -6.71 -3.21 -2.43
N VAL B 138 -7.04 -3.17 -1.14
CA VAL B 138 -6.22 -2.58 -0.11
C VAL B 138 -5.81 -3.67 0.87
N THR B 139 -4.54 -3.64 1.28
CA THR B 139 -4.00 -4.67 2.15
C THR B 139 -3.21 -4.06 3.29
N GLY B 140 -3.24 -4.72 4.45
CA GLY B 140 -2.45 -4.24 5.57
C GLY B 140 -2.68 -5.02 6.83
N TRP B 141 -1.86 -4.68 7.82
CA TRP B 141 -1.89 -5.28 9.15
C TRP B 141 -2.43 -4.32 10.19
N GLY B 142 -3.10 -3.25 9.79
CA GLY B 142 -3.61 -2.27 10.71
C GLY B 142 -4.83 -2.77 11.44
N ASN B 143 -5.41 -1.88 12.25
CA ASN B 143 -6.48 -2.27 13.16
C ASN B 143 -7.72 -2.73 12.42
N LEU B 144 -8.46 -3.62 13.06
CA LEU B 144 -9.67 -4.21 12.52
C LEU B 144 -10.91 -3.37 12.74
N LYS B 145 -10.85 -2.37 13.61
CA LYS B 145 -11.97 -1.45 13.77
C LYS B 145 -11.44 -0.18 14.39
N GLU B 146 -12.26 0.85 14.32
CA GLU B 146 -11.83 2.16 14.76
C GLU B 146 -11.65 2.16 16.27
N GLY B 149 -9.06 -6.48 18.12
CA GLY B 149 -8.66 -5.23 17.48
C GLY B 149 -7.57 -5.33 16.42
N GLN B 150 -6.67 -6.30 16.52
CA GLN B 150 -5.56 -6.38 15.57
C GLN B 150 -5.47 -7.77 14.96
N PRO B 151 -5.05 -7.88 13.70
CA PRO B 151 -5.15 -9.17 12.99
C PRO B 151 -3.95 -10.09 13.23
N SER B 152 -4.22 -11.39 13.12
CA SER B 152 -3.14 -12.38 13.14
C SER B 152 -2.34 -12.35 11.85
N VAL B 153 -3.00 -12.16 10.71
CA VAL B 153 -2.34 -12.19 9.41
C VAL B 153 -2.81 -11.01 8.55
N LEU B 154 -2.09 -10.80 7.46
CA LEU B 154 -2.40 -9.74 6.51
C LEU B 154 -3.86 -9.78 6.10
N GLN B 155 -4.49 -8.61 6.10
CA GLN B 155 -5.91 -8.47 5.74
C GLN B 155 -6.04 -7.83 4.37
N VAL B 156 -7.15 -8.15 3.69
N VAL B 156 -7.13 -8.15 3.66
CA VAL B 156 -7.44 -7.71 2.34
CA VAL B 156 -7.39 -7.66 2.31
C VAL B 156 -8.87 -7.20 2.31
C VAL B 156 -8.85 -7.29 2.17
N VAL B 157 -9.10 -6.15 1.53
CA VAL B 157 -10.46 -5.71 1.22
C VAL B 157 -10.50 -5.09 -0.16
N ASN B 158 -11.56 -5.38 -0.91
CA ASN B 158 -11.75 -4.79 -2.22
C ASN B 158 -12.76 -3.65 -2.10
N LEU B 159 -12.44 -2.49 -2.66
CA LEU B 159 -13.27 -1.30 -2.50
C LEU B 159 -13.43 -0.54 -3.81
N PRO B 160 -14.61 0.02 -4.07
CA PRO B 160 -14.80 0.80 -5.30
C PRO B 160 -14.31 2.23 -5.16
N ILE B 161 -13.72 2.72 -6.26
CA ILE B 161 -13.37 4.13 -6.38
C ILE B 161 -14.67 4.95 -6.40
N VAL B 162 -14.65 6.11 -5.79
CA VAL B 162 -15.83 6.94 -5.62
C VAL B 162 -15.73 8.19 -6.47
N GLU B 163 -16.88 8.63 -6.97
CA GLU B 163 -16.97 9.84 -7.77
C GLU B 163 -16.38 11.01 -7.00
N ARG B 164 -15.61 11.86 -7.69
CA ARG B 164 -14.94 12.95 -6.99
C ARG B 164 -15.90 13.89 -6.26
N PRO B 165 -17.05 14.27 -6.80
CA PRO B 165 -17.96 15.13 -6.03
C PRO B 165 -18.44 14.49 -4.75
N VAL B 166 -18.67 13.18 -4.75
CA VAL B 166 -19.07 12.48 -3.54
C VAL B 166 -17.93 12.49 -2.52
N CYS B 167 -16.70 12.25 -2.96
CA CYS B 167 -15.56 12.36 -2.04
C CYS B 167 -15.51 13.74 -1.41
N LYS B 168 -15.60 14.79 -2.24
N LYS B 168 -15.66 14.78 -2.23
CA LYS B 168 -15.56 16.16 -1.74
CA LYS B 168 -15.55 16.16 -1.76
C LYS B 168 -16.66 16.40 -0.72
C LYS B 168 -16.68 16.51 -0.80
N ASP B 169 -17.88 15.99 -1.05
CA ASP B 169 -19.05 16.30 -0.24
C ASP B 169 -19.12 15.49 1.04
N SER B 170 -18.20 14.56 1.25
CA SER B 170 -18.17 13.72 2.44
C SER B 170 -17.38 14.34 3.57
N THR B 171 -16.67 15.44 3.34
CA THR B 171 -15.66 15.92 4.27
C THR B 171 -15.54 17.43 4.17
N ARG B 172 -15.03 18.02 5.25
CA ARG B 172 -14.64 19.43 5.23
C ARG B 172 -13.19 19.62 4.81
N ILE B 173 -12.41 18.55 4.72
CA ILE B 173 -11.02 18.65 4.32
C ILE B 173 -10.97 18.97 2.83
N ARG B 174 -10.01 19.80 2.44
CA ARG B 174 -9.80 20.15 1.03
C ARG B 174 -9.18 18.97 0.29
N ILE B 175 -9.85 18.52 -0.75
CA ILE B 175 -9.37 17.40 -1.57
C ILE B 175 -8.61 17.97 -2.77
N THR B 176 -7.54 17.29 -3.18
CA THR B 176 -6.75 17.73 -4.32
C THR B 176 -6.71 16.66 -5.40
N ASP B 177 -6.20 17.05 -6.57
CA ASP B 177 -6.04 16.11 -7.68
C ASP B 177 -5.02 15.03 -7.37
N ASN B 178 -4.23 15.18 -6.32
CA ASN B 178 -3.26 14.17 -5.93
C ASN B 178 -3.85 13.11 -5.01
N MET B 179 -5.17 13.07 -4.88
CA MET B 179 -5.90 12.13 -4.04
C MET B 179 -7.06 11.55 -4.82
N PHE B 180 -7.46 10.33 -4.45
CA PHE B 180 -8.76 9.82 -4.82
C PHE B 180 -9.34 9.14 -3.59
N CYS B 181 -10.65 8.91 -3.59
CA CYS B 181 -11.24 8.21 -2.46
C CYS B 181 -11.96 6.95 -2.90
N ALA B 182 -12.11 6.02 -1.95
CA ALA B 182 -12.67 4.71 -2.23
C ALA B 182 -13.42 4.22 -1.02
N GLY B 183 -14.40 3.36 -1.28
CA GLY B 183 -15.25 2.82 -0.23
C GLY B 183 -16.68 2.71 -0.69
N TYR B 184 -17.50 1.96 0.03
CA TYR B 184 -18.91 1.81 -0.30
C TYR B 184 -19.72 2.96 0.31
N LYS B 185 -20.81 3.27 -0.36
CA LYS B 185 -21.76 4.25 0.14
C LYS B 185 -22.69 3.60 1.15
N PRO B 186 -23.32 4.38 2.03
CA PRO B 186 -24.27 3.79 2.99
C PRO B 186 -25.33 2.91 2.33
N ASP B 187 -25.89 3.35 1.21
CA ASP B 187 -26.95 2.58 0.57
C ASP B 187 -26.45 1.31 -0.12
N GLU B 188 -25.13 1.12 -0.22
CA GLU B 188 -24.59 -0.03 -0.94
C GLU B 188 -24.49 -1.28 -0.08
N GLY B 189 -24.74 -1.20 1.23
CA GLY B 189 -24.75 -2.38 2.06
C GLY B 189 -23.38 -2.88 2.50
N LYS B 190 -22.49 -3.14 1.55
CA LYS B 190 -21.17 -3.67 1.86
C LYS B 190 -20.33 -2.61 2.56
N ARG B 191 -19.27 -3.07 3.24
CA ARG B 191 -18.46 -2.20 4.08
C ARG B 191 -16.98 -2.45 3.81
N GLY B 192 -16.14 -1.72 4.53
CA GLY B 192 -14.71 -1.89 4.44
C GLY B 192 -13.94 -0.59 4.35
N ASP B 193 -12.74 -0.57 4.93
CA ASP B 193 -11.90 0.61 4.92
C ASP B 193 -10.52 0.21 5.40
N ALA B 194 -9.56 1.08 5.15
CA ALA B 194 -8.28 1.04 5.84
C ALA B 194 -8.46 1.62 7.24
N CYS B 195 -7.45 1.42 8.08
CA CYS B 195 -7.49 1.95 9.43
C CYS B 195 -6.07 2.24 9.91
N GLU B 196 -5.94 2.65 11.17
CA GLU B 196 -4.64 2.92 11.76
C GLU B 196 -3.72 1.72 11.57
N GLY B 197 -2.51 1.97 11.08
CA GLY B 197 -1.54 0.94 10.79
C GLY B 197 -1.51 0.48 9.35
N ASP B 198 -2.54 0.77 8.57
CA ASP B 198 -2.55 0.44 7.15
C ASP B 198 -1.91 1.52 6.31
N SER B 199 -1.70 2.70 6.88
CA SER B 199 -1.00 3.81 6.26
C SER B 199 0.18 3.33 5.44
N GLY B 200 0.31 3.87 4.23
CA GLY B 200 1.46 3.60 3.42
C GLY B 200 1.37 2.37 2.55
N GLY B 201 0.39 1.49 2.81
CA GLY B 201 0.21 0.30 2.01
C GLY B 201 -0.47 0.60 0.69
N PRO B 202 -0.54 -0.41 -0.16
CA PRO B 202 -0.97 -0.17 -1.54
C PRO B 202 -2.46 -0.38 -1.78
N PHE B 203 -3.01 0.43 -2.71
CA PHE B 203 -4.30 0.23 -3.35
C PHE B 203 -3.96 -0.24 -4.76
N VAL B 204 -4.28 -1.50 -5.05
CA VAL B 204 -3.89 -2.11 -6.33
C VAL B 204 -5.11 -2.47 -7.17
N MET B 205 -4.89 -2.53 -8.48
CA MET B 205 -5.91 -2.93 -9.45
C MET B 205 -5.26 -3.91 -10.42
N LYS B 206 -6.02 -4.89 -10.86
CA LYS B 206 -5.51 -5.87 -11.82
C LYS B 206 -5.95 -5.46 -13.21
N SER B 207 -5.02 -5.09 -14.05
CA SER B 207 -5.38 -4.63 -15.38
C SER B 207 -6.05 -5.76 -16.16
N PRO B 208 -7.24 -5.52 -16.74
CA PRO B 208 -7.87 -6.54 -17.60
C PRO B 208 -7.26 -6.62 -18.98
N PHE B 209 -6.35 -5.69 -19.31
CA PHE B 209 -5.70 -5.66 -20.60
C PHE B 209 -4.49 -6.56 -20.66
N ASN B 210 -3.67 -6.57 -19.60
CA ASN B 210 -2.44 -7.37 -19.59
C ASN B 210 -2.32 -8.28 -18.38
N ASN B 211 -3.34 -8.34 -17.53
CA ASN B 211 -3.40 -9.26 -16.40
C ASN B 211 -2.28 -9.07 -15.37
N ARG B 212 -1.81 -7.84 -15.25
CA ARG B 212 -0.82 -7.45 -14.25
C ARG B 212 -1.43 -6.55 -13.18
N TRP B 213 -0.89 -6.64 -11.98
CA TRP B 213 -1.28 -5.76 -10.88
C TRP B 213 -0.50 -4.45 -10.90
N TYR B 214 -1.23 -3.36 -10.77
CA TYR B 214 -0.72 -2.01 -10.73
C TYR B 214 -1.08 -1.35 -9.42
N GLN B 215 -0.16 -0.60 -8.84
CA GLN B 215 -0.44 0.19 -7.65
C GLN B 215 -0.93 1.58 -8.06
N MET B 216 -2.21 1.81 -7.86
N MET B 216 -2.22 1.81 -7.91
CA MET B 216 -2.84 3.07 -8.22
CA MET B 216 -2.77 3.13 -8.22
C MET B 216 -2.89 4.06 -7.05
C MET B 216 -2.70 4.07 -7.03
N GLY B 217 -2.82 3.56 -5.81
CA GLY B 217 -2.95 4.43 -4.64
C GLY B 217 -2.07 3.97 -3.49
N ILE B 218 -1.90 4.88 -2.54
CA ILE B 218 -1.25 4.63 -1.27
C ILE B 218 -2.23 5.01 -0.18
N VAL B 219 -2.40 4.14 0.81
CA VAL B 219 -3.27 4.46 1.95
C VAL B 219 -2.79 5.74 2.63
N SER B 220 -3.64 6.78 2.64
CA SER B 220 -3.23 8.10 3.11
C SER B 220 -4.02 8.55 4.34
N TRP B 221 -5.31 8.85 4.22
CA TRP B 221 -6.02 9.44 5.36
C TRP B 221 -7.51 9.14 5.29
N GLY B 222 -8.14 9.26 6.45
CA GLY B 222 -9.58 9.10 6.56
C GLY B 222 -10.01 9.82 7.82
N GLU B 223 -11.32 9.81 8.05
CA GLU B 223 -11.90 10.38 9.27
C GLU B 223 -12.56 9.21 9.98
N GLY B 224 -11.86 8.65 10.95
CA GLY B 224 -12.28 7.40 11.54
C GLY B 224 -11.94 6.27 10.58
N CYS B 225 -12.56 5.12 10.82
CA CYS B 225 -12.41 3.96 9.93
C CYS B 225 -13.77 3.33 9.69
N ASP B 226 -14.12 3.12 8.42
CA ASP B 226 -15.36 2.44 8.05
C ASP B 226 -16.60 3.14 8.59
N ARG B 227 -16.58 4.47 8.65
CA ARG B 227 -17.77 5.21 9.06
C ARG B 227 -18.72 5.37 7.88
N ASP B 228 -20.01 5.29 8.14
CA ASP B 228 -21.00 5.53 7.11
C ASP B 228 -20.87 6.96 6.59
N GLY B 229 -20.85 7.08 5.27
CA GLY B 229 -20.77 8.38 4.62
C GLY B 229 -19.38 8.96 4.54
N LYS B 230 -18.38 8.28 5.11
CA LYS B 230 -16.99 8.68 4.97
C LYS B 230 -16.32 7.68 4.03
N TYR B 231 -15.16 8.10 3.51
CA TYR B 231 -14.39 7.30 2.56
C TYR B 231 -12.92 7.39 2.93
N GLY B 232 -12.16 6.38 2.52
CA GLY B 232 -10.72 6.46 2.64
C GLY B 232 -10.13 7.23 1.48
N PHE B 233 -9.05 7.95 1.76
CA PHE B 233 -8.34 8.75 0.76
C PHE B 233 -6.94 8.19 0.51
N TYR B 234 -6.60 8.12 -0.78
CA TYR B 234 -5.41 7.46 -1.28
C TYR B 234 -4.59 8.42 -2.13
N THR B 235 -3.28 8.38 -1.96
CA THR B 235 -2.40 9.14 -2.83
C THR B 235 -2.50 8.62 -4.25
N HIS B 236 -2.66 9.55 -5.20
CA HIS B 236 -2.78 9.25 -6.63
C HIS B 236 -1.39 8.99 -7.21
N VAL B 237 -1.00 7.73 -7.29
CA VAL B 237 0.39 7.38 -7.62
C VAL B 237 0.76 7.92 -9.01
N PHE B 238 -0.11 7.73 -10.00
CA PHE B 238 0.26 8.17 -11.35
C PHE B 238 0.52 9.67 -11.38
N ARG B 239 -0.29 10.45 -10.67
CA ARG B 239 -0.09 11.90 -10.70
C ARG B 239 1.27 12.32 -10.18
N LEU B 240 1.89 11.47 -9.35
CA LEU B 240 3.19 11.77 -8.74
C LEU B 240 4.30 10.91 -9.33
N LYS B 241 4.04 10.23 -10.45
CA LYS B 241 5.04 9.32 -11.00
C LYS B 241 6.25 10.04 -11.55
N LYS B 242 6.10 11.27 -12.06
CA LYS B 242 7.28 11.97 -12.57
C LYS B 242 8.30 12.17 -11.45
N TRP B 243 7.82 12.46 -10.24
CA TRP B 243 8.73 12.57 -9.10
C TRP B 243 9.35 11.21 -8.75
N ILE B 244 8.55 10.15 -8.73
CA ILE B 244 9.09 8.81 -8.51
C ILE B 244 10.24 8.54 -9.47
N GLN B 245 9.98 8.78 -10.77
CA GLN B 245 10.99 8.49 -11.79
C GLN B 245 12.23 9.33 -11.61
N LYS B 246 12.05 10.63 -11.30
CA LYS B 246 13.19 11.50 -11.09
C LYS B 246 14.07 10.96 -9.96
N VAL B 247 13.46 10.55 -8.85
CA VAL B 247 14.22 10.05 -7.71
C VAL B 247 15.00 8.80 -8.11
N ILE B 248 14.32 7.84 -8.73
CA ILE B 248 14.98 6.57 -9.05
C ILE B 248 16.07 6.79 -10.10
N ASP B 249 15.79 7.61 -11.11
CA ASP B 249 16.77 7.81 -12.16
C ASP B 249 18.02 8.53 -11.66
N GLN B 250 17.93 9.24 -10.53
CA GLN B 250 19.06 10.04 -10.04
C GLN B 250 19.71 9.49 -8.78
N PHE B 251 19.03 8.62 -8.03
CA PHE B 251 19.60 8.03 -6.83
C PHE B 251 19.75 6.52 -6.93
N GLY B 252 19.38 5.92 -8.06
CA GLY B 252 19.50 4.49 -8.24
C GLY B 252 20.48 4.13 -9.34
N ASP C 2 3.44 -7.08 21.01
CA ASP C 2 3.23 -8.52 20.98
C ASP C 2 3.98 -9.16 19.80
N PHE C 3 5.07 -8.53 19.39
CA PHE C 3 5.85 -9.02 18.26
C PHE C 3 6.94 -9.98 18.70
N GLU C 4 7.10 -11.05 17.95
CA GLU C 4 8.21 -11.96 18.16
C GLU C 4 9.52 -11.25 17.85
N GLU C 5 10.52 -11.46 18.71
CA GLU C 5 11.83 -10.85 18.52
C GLU C 5 12.40 -11.26 17.16
N ILE C 6 13.03 -10.31 16.49
CA ILE C 6 13.68 -10.60 15.20
C ILE C 6 15.15 -10.89 15.44
N PRO C 7 15.82 -11.59 14.53
CA PRO C 7 17.24 -11.91 14.73
C PRO C 7 18.06 -10.65 15.01
N GLU C 8 19.04 -10.78 15.91
CA GLU C 8 19.84 -9.63 16.32
C GLU C 8 20.64 -9.05 15.16
N GLU C 9 20.96 -9.85 14.16
CA GLU C 9 21.75 -9.38 13.04
C GLU C 9 21.11 -8.18 12.32
N TYS C 10 19.79 -8.07 12.38
CA TYS C 10 19.10 -6.99 11.70
CB TYS C 10 17.65 -7.37 11.39
CG TYS C 10 17.62 -8.61 10.52
CD1 TYS C 10 18.19 -8.59 9.25
CD2 TYS C 10 17.02 -9.77 10.99
CE1 TYS C 10 18.16 -9.73 8.46
CE2 TYS C 10 16.99 -10.91 10.20
CZ TYS C 10 17.56 -10.89 8.94
OH TYS C 10 17.54 -12.01 8.15
S TYS C 10 16.40 -12.23 7.13
O1 TYS C 10 16.65 -13.55 6.59
O2 TYS C 10 15.14 -12.18 7.79
O3 TYS C 10 16.52 -11.15 5.93
C TYS C 10 19.08 -5.73 12.53
O TYS C 10 18.72 -4.67 11.98
H TYS C 10 19.31 -8.64 12.82
HA TYS C 10 19.55 -6.79 10.87
HB2 TYS C 10 17.22 -6.63 10.92
HB3 TYS C 10 17.17 -7.54 12.21
HD1 TYS C 10 18.60 -7.82 8.93
HD2 TYS C 10 16.64 -9.78 11.84
HE1 TYS C 10 18.55 -9.72 7.61
HE2 TYS C 10 16.59 -11.69 10.52
HO3 TYS C 10 15.96 -11.15 5.30
N LEU C 11 19.45 -5.82 13.80
CA LEU C 11 19.37 -4.66 14.69
C LEU C 11 20.73 -4.01 14.94
N GLN C 12 21.79 -4.62 14.42
CA GLN C 12 23.14 -4.10 14.62
C GLN C 12 23.31 -2.75 13.94
C3 KDQ D . -6.04 5.94 6.11
C5 KDQ D . -8.40 5.52 6.22
C6 KDQ D . -8.36 5.66 7.60
C21 KDQ D . -6.54 15.87 9.14
C9 KDQ D . -3.44 9.86 8.77
C10 KDQ D . -2.06 9.98 9.42
C11 KDQ D . -1.94 11.46 9.75
C8 KDQ D . -7.14 6.03 9.76
C2 KDQ D . -5.98 6.07 7.50
C7 KDQ D . -7.15 5.93 8.25
C16 KDQ D . -7.35 15.00 8.44
C15 KDQ D . -8.67 14.54 9.02
C13 KDQ D . -5.52 11.07 9.26
C12 KDQ D . -3.33 11.88 10.16
N1 KDQ D . -4.19 10.96 9.40
C20 KDQ D . -5.27 16.20 8.65
C19 KDQ D . -4.83 15.66 7.46
C18 KDQ D . -5.64 14.81 6.75
C17 KDQ D . -6.90 14.49 7.23
O4 KDQ D . -7.73 14.05 11.42
S KDQ D . -8.49 13.40 10.39
O3 KDQ D . -9.77 12.85 10.70
N2 KDQ D . -7.58 12.14 9.86
C14 KDQ D . -6.13 12.27 9.92
O2 KDQ D . -6.19 10.24 8.65
C KDQ D . -4.09 8.51 9.07
O KDQ D . -4.49 8.24 10.21
N KDQ D . -4.15 7.66 8.05
C1 KDQ D . -4.66 6.30 8.20
O1 KDQ D . -7.48 7.31 10.20
C4 KDQ D . -7.24 5.68 5.50
CL KDQ D . -7.29 5.53 3.77
C1 NAG E . 12.95 16.13 10.17
C2 NAG E . 12.89 17.66 10.01
C3 NAG E . 14.12 18.15 9.28
C4 NAG E . 15.38 17.69 10.00
C5 NAG E . 15.36 16.18 10.14
C6 NAG E . 16.53 15.64 10.93
C7 NAG E . 10.65 18.67 9.94
C8 NAG E . 9.49 19.04 9.07
N2 NAG E . 11.68 18.07 9.32
O3 NAG E . 14.08 19.58 9.21
O4 NAG E . 16.54 18.11 9.29
O5 NAG E . 14.18 15.76 10.82
O6 NAG E . 16.08 14.71 11.91
O7 NAG E . 10.66 18.90 11.15
P PO4 F . -0.68 22.62 -1.38
O1 PO4 F . 0.73 22.17 -1.05
O2 PO4 F . -1.50 21.40 -1.00
O3 PO4 F . -0.75 22.94 -2.84
O4 PO4 F . -1.08 23.79 -0.51
S DMS G . -10.94 9.07 -9.69
O DMS G . -10.90 10.13 -8.63
C1 DMS G . -12.70 8.89 -10.08
C2 DMS G . -10.33 9.82 -11.22
NA NA H . -5.28 -8.50 -23.42
NA NA I . -17.43 4.56 4.85
S DMS J . -4.64 0.99 -22.51
S DMS J . -5.13 -0.21 -22.46
O DMS J . -6.05 1.45 -22.73
O DMS J . -6.38 0.30 -23.08
C1 DMS J . -4.49 0.33 -20.82
C1 DMS J . -3.70 0.18 -23.49
C2 DMS J . -4.32 -0.53 -23.44
C2 DMS J . -4.76 0.77 -20.97
S DMS K . -18.65 19.36 12.50
O DMS K . -18.01 19.41 11.15
C1 DMS K . -19.56 17.80 12.69
C2 DMS K . -17.31 19.07 13.70
#